data_8B30
#
_entry.id   8B30
#
_cell.length_a   43.069
_cell.length_b   59.971
_cell.length_c   105.100
_cell.angle_alpha   90.000
_cell.angle_beta   90.000
_cell.angle_gamma   90.000
#
_symmetry.space_group_name_H-M   'P 21 21 21'
#
loop_
_entity.id
_entity.type
_entity.pdbx_description
1 polymer 'Phenolic acid decarboxylase N31'
2 water water
#
_entity_poly.entity_id   1
_entity_poly.type   'polypeptide(L)'
_entity_poly.pdbx_seq_one_letter_code
;MGSSHHHHHHSSGLVPRGSHMSFDKEDLSGFVGKHFIYTYDNGWRYEIYVKNENTIDYRIHSGIVGGRWVKDQQVYIVRV
ADDVYKISWTEPTGTDVSLTVNLADYILHGTIFFPRWIIENPEKTVCYQNDHLPLMRAYRDAGPTYPKEVIDEFATITFM
RDCGENNETVINCPPSELPADYPDCLKGKT
;
_entity_poly.pdbx_strand_id   A,B
#
# COMPACT_ATOMS: atom_id res chain seq x y z
N ASP A 27 -1.99 19.40 5.24
CA ASP A 27 -2.52 20.30 4.13
C ASP A 27 -2.26 19.58 2.81
N LEU A 28 -3.29 19.41 1.99
CA LEU A 28 -3.16 18.68 0.70
C LEU A 28 -3.03 19.65 -0.48
N SER A 29 -3.29 20.96 -0.31
CA SER A 29 -3.29 22.01 -1.39
C SER A 29 -2.06 21.87 -2.32
N GLY A 30 -0.92 21.44 -1.75
CA GLY A 30 0.38 21.17 -2.40
C GLY A 30 0.30 20.12 -3.46
N PHE A 31 -0.56 19.13 -3.24
CA PHE A 31 -0.67 17.92 -4.08
C PHE A 31 -1.90 17.87 -4.99
N VAL A 32 -3.01 18.39 -4.47
CA VAL A 32 -4.25 18.56 -5.26
C VAL A 32 -3.90 19.39 -6.50
N GLY A 33 -4.44 18.99 -7.63
CA GLY A 33 -4.11 19.58 -8.94
C GLY A 33 -2.80 19.11 -9.56
N LYS A 34 -1.91 18.46 -8.83
CA LYS A 34 -0.66 17.95 -9.45
C LYS A 34 -1.00 16.92 -10.54
N HIS A 35 -0.44 17.11 -11.72
CA HIS A 35 -0.59 16.23 -12.90
C HIS A 35 0.82 15.85 -13.33
N PHE A 36 1.11 14.58 -13.52
CA PHE A 36 2.50 14.14 -13.85
C PHE A 36 2.52 12.85 -14.61
N ILE A 37 3.51 12.71 -15.47
CA ILE A 37 3.87 11.43 -16.10
C ILE A 37 5.15 10.95 -15.46
N TYR A 38 5.23 9.63 -15.28
CA TYR A 38 6.30 8.98 -14.49
C TYR A 38 6.50 7.59 -15.04
N THR A 39 7.77 7.17 -15.14
CA THR A 39 8.12 5.86 -15.76
C THR A 39 8.82 5.04 -14.69
N TYR A 40 8.22 3.88 -14.38
CA TYR A 40 8.66 2.95 -13.31
C TYR A 40 9.99 2.31 -13.75
N ASP A 41 10.75 1.79 -12.77
CA ASP A 41 12.11 1.25 -12.97
C ASP A 41 12.01 0.11 -13.97
N ASN A 42 10.84 -0.56 -14.00
CA ASN A 42 10.52 -1.70 -14.90
C ASN A 42 9.94 -1.21 -16.25
N GLY A 43 10.08 0.08 -16.63
CA GLY A 43 9.82 0.60 -18.00
C GLY A 43 8.42 1.19 -18.19
N TRP A 44 7.44 0.78 -17.36
CA TRP A 44 6.01 1.17 -17.41
C TRP A 44 5.86 2.69 -17.24
N ARG A 45 5.22 3.31 -18.24
CA ARG A 45 4.95 4.76 -18.24
C ARG A 45 3.52 4.98 -17.75
N TYR A 46 3.38 5.50 -16.54
CA TYR A 46 2.08 5.80 -15.90
C TYR A 46 1.92 7.32 -15.86
N GLU A 47 0.68 7.77 -15.71
CA GLU A 47 0.29 9.21 -15.65
C GLU A 47 -0.83 9.35 -14.62
N ILE A 48 -0.70 10.27 -13.66
CA ILE A 48 -1.72 10.59 -12.60
C ILE A 48 -2.03 12.08 -12.78
N TYR A 49 -3.29 12.45 -12.54
CA TYR A 49 -3.74 13.80 -12.17
C TYR A 49 -4.47 13.63 -10.85
N VAL A 50 -3.98 14.24 -9.80
CA VAL A 50 -4.70 14.28 -8.50
C VAL A 50 -5.74 15.42 -8.60
N LYS A 51 -6.98 15.04 -8.86
CA LYS A 51 -8.09 15.94 -9.29
C LYS A 51 -8.67 16.65 -8.07
N ASN A 52 -8.54 16.07 -6.88
CA ASN A 52 -8.95 16.71 -5.60
C ASN A 52 -8.51 15.83 -4.43
N GLU A 53 -8.84 16.26 -3.21
CA GLU A 53 -8.40 15.62 -1.93
C GLU A 53 -8.75 14.13 -1.92
N ASN A 54 -9.73 13.66 -2.69
CA ASN A 54 -10.21 12.26 -2.60
C ASN A 54 -10.34 11.61 -4.00
N THR A 55 -9.75 12.16 -5.06
CA THR A 55 -9.98 11.67 -6.46
C THR A 55 -8.74 11.83 -7.32
N ILE A 56 -8.34 10.78 -8.03
CA ILE A 56 -7.37 10.90 -9.15
C ILE A 56 -8.03 10.47 -10.46
N ASP A 57 -7.48 10.93 -11.55
CA ASP A 57 -7.56 10.32 -12.87
C ASP A 57 -6.19 9.67 -13.07
N TYR A 58 -6.13 8.66 -13.90
CA TYR A 58 -4.84 8.07 -14.30
C TYR A 58 -4.98 7.39 -15.66
N ARG A 59 -3.86 7.38 -16.36
CA ARG A 59 -3.69 6.84 -17.72
C ARG A 59 -2.41 6.02 -17.64
N ILE A 60 -2.47 4.79 -18.08
CA ILE A 60 -1.27 3.93 -18.20
C ILE A 60 -0.88 3.95 -19.68
N HIS A 61 0.29 4.49 -20.00
CA HIS A 61 0.73 4.59 -21.41
C HIS A 61 1.49 3.33 -21.81
N SER A 62 2.20 2.73 -20.86
CA SER A 62 3.05 1.58 -21.18
C SER A 62 2.97 0.53 -20.09
N GLY A 63 3.12 -0.75 -20.45
CA GLY A 63 3.20 -1.76 -19.40
C GLY A 63 2.19 -2.89 -19.46
N ILE A 64 2.23 -3.75 -18.46
CA ILE A 64 1.31 -4.91 -18.31
C ILE A 64 -0.06 -4.46 -18.80
N VAL A 65 -0.49 -3.29 -18.31
CA VAL A 65 -1.88 -2.73 -18.44
C VAL A 65 -1.78 -1.42 -19.21
N GLY A 66 -0.85 -1.31 -20.14
CA GLY A 66 -0.68 -0.10 -20.98
C GLY A 66 -1.94 0.11 -21.78
N GLY A 67 -2.42 1.34 -21.89
CA GLY A 67 -3.70 1.64 -22.56
C GLY A 67 -4.85 1.88 -21.59
N ARG A 68 -4.83 1.21 -20.43
CA ARG A 68 -5.87 1.32 -19.38
C ARG A 68 -5.86 2.75 -18.87
N TRP A 69 -7.06 3.29 -18.64
CA TRP A 69 -7.16 4.59 -17.95
C TRP A 69 -8.46 4.68 -17.19
N VAL A 70 -8.50 5.68 -16.32
CA VAL A 70 -9.50 5.71 -15.22
C VAL A 70 -9.72 7.18 -14.94
N LYS A 71 -10.99 7.57 -14.88
CA LYS A 71 -11.37 8.90 -14.36
C LYS A 71 -12.03 8.65 -13.02
N ASP A 72 -11.81 9.57 -12.10
CA ASP A 72 -12.60 9.63 -10.84
C ASP A 72 -12.32 8.42 -9.96
N GLN A 73 -11.12 7.82 -10.02
CA GLN A 73 -10.69 6.77 -9.05
C GLN A 73 -10.72 7.33 -7.62
N GLN A 74 -11.66 6.87 -6.78
CA GLN A 74 -11.73 7.25 -5.35
C GLN A 74 -10.40 6.85 -4.72
N VAL A 75 -9.78 7.74 -3.96
CA VAL A 75 -8.45 7.55 -3.33
C VAL A 75 -8.48 8.09 -1.89
N TYR A 76 -7.55 7.59 -1.07
CA TYR A 76 -7.03 8.26 0.13
C TYR A 76 -5.75 8.96 -0.26
N ILE A 77 -5.73 10.30 -0.16
CA ILE A 77 -4.48 11.11 -0.29
C ILE A 77 -4.21 11.75 1.07
N VAL A 78 -2.95 11.68 1.48
CA VAL A 78 -2.44 12.28 2.75
C VAL A 78 -1.05 12.82 2.47
N ARG A 79 -0.64 13.80 3.25
CA ARG A 79 0.75 14.31 3.27
C ARG A 79 1.45 13.53 4.40
N VAL A 80 2.47 12.71 4.12
CA VAL A 80 3.24 11.99 5.18
C VAL A 80 4.38 12.89 5.74
N ALA A 81 4.90 13.84 4.95
CA ALA A 81 5.78 14.99 5.35
C ALA A 81 5.82 16.00 4.19
N ASP A 82 6.62 17.07 4.32
CA ASP A 82 6.67 18.29 3.44
C ASP A 82 6.30 18.01 1.96
N ASP A 83 7.06 17.07 1.36
CA ASP A 83 7.13 16.72 -0.10
C ASP A 83 6.88 15.20 -0.27
N VAL A 84 6.18 14.57 0.65
CA VAL A 84 5.92 13.11 0.62
C VAL A 84 4.41 12.92 0.77
N TYR A 85 3.74 12.73 -0.35
CA TYR A 85 2.29 12.47 -0.37
C TYR A 85 2.10 10.98 -0.63
N LYS A 86 0.98 10.49 -0.13
CA LYS A 86 0.57 9.09 -0.32
C LYS A 86 -0.83 9.10 -0.92
N ILE A 87 -0.96 8.37 -2.01
CA ILE A 87 -2.21 8.17 -2.77
C ILE A 87 -2.50 6.68 -2.70
N SER A 88 -3.63 6.30 -2.11
CA SER A 88 -3.97 4.92 -1.73
C SER A 88 -5.37 4.64 -2.26
N TRP A 89 -5.56 3.49 -2.91
CA TRP A 89 -6.88 3.14 -3.48
C TRP A 89 -6.98 1.66 -3.75
N THR A 90 -8.25 1.25 -3.90
CA THR A 90 -8.63 -0.11 -4.35
C THR A 90 -9.48 0.07 -5.59
N GLU A 91 -9.26 -0.74 -6.59
CA GLU A 91 -9.84 -0.55 -7.94
C GLU A 91 -11.03 -1.49 -8.05
N PRO A 92 -11.91 -1.28 -9.04
CA PRO A 92 -12.98 -2.23 -9.32
C PRO A 92 -12.46 -3.61 -9.73
N THR A 93 -11.18 -3.69 -10.12
CA THR A 93 -10.49 -4.92 -10.58
C THR A 93 -10.06 -5.74 -9.37
N GLY A 94 -9.98 -5.08 -8.21
CA GLY A 94 -9.53 -5.62 -6.93
C GLY A 94 -8.09 -5.22 -6.69
N THR A 95 -7.46 -4.55 -7.68
CA THR A 95 -6.08 -4.01 -7.54
C THR A 95 -6.12 -3.00 -6.37
N ASP A 96 -5.25 -3.16 -5.38
CA ASP A 96 -4.95 -2.07 -4.44
C ASP A 96 -3.59 -1.46 -4.75
N VAL A 97 -3.53 -0.15 -4.53
CA VAL A 97 -2.40 0.72 -4.88
C VAL A 97 -2.17 1.71 -3.74
N SER A 98 -0.90 1.87 -3.39
CA SER A 98 -0.35 2.92 -2.52
C SER A 98 0.85 3.45 -3.29
N LEU A 99 0.72 4.69 -3.75
CA LEU A 99 1.77 5.51 -4.39
C LEU A 99 2.27 6.49 -3.35
N THR A 100 3.55 6.44 -3.04
CA THR A 100 4.23 7.52 -2.31
C THR A 100 4.64 8.47 -3.44
N VAL A 101 4.23 9.74 -3.44
CA VAL A 101 4.71 10.77 -4.44
C VAL A 101 5.58 11.81 -3.72
N ASN A 102 6.86 11.90 -4.14
CA ASN A 102 7.90 12.86 -3.68
C ASN A 102 8.07 13.94 -4.76
N LEU A 103 7.29 15.02 -4.69
CA LEU A 103 7.01 15.95 -5.82
C LEU A 103 8.26 16.71 -6.27
N ALA A 104 8.87 17.48 -5.35
CA ALA A 104 10.07 18.32 -5.58
C ALA A 104 11.22 17.45 -6.05
N ASP A 105 11.43 16.32 -5.37
CA ASP A 105 12.40 15.26 -5.75
C ASP A 105 12.02 14.60 -7.10
N TYR A 106 10.86 14.93 -7.71
CA TYR A 106 10.44 14.44 -9.06
C TYR A 106 10.56 12.87 -9.10
N ILE A 107 10.36 12.18 -7.98
CA ILE A 107 10.47 10.69 -7.83
C ILE A 107 9.20 10.14 -7.16
N LEU A 108 8.83 8.91 -7.48
CA LEU A 108 7.56 8.29 -7.04
C LEU A 108 7.84 6.84 -6.72
N HIS A 109 7.15 6.29 -5.73
CA HIS A 109 7.19 4.84 -5.47
C HIS A 109 5.76 4.33 -5.43
N GLY A 110 5.54 3.26 -6.19
CA GLY A 110 4.24 2.57 -6.26
C GLY A 110 4.38 1.15 -5.79
N THR A 111 3.55 0.77 -4.83
CA THR A 111 3.24 -0.67 -4.60
C THR A 111 1.89 -0.89 -5.25
N ILE A 112 1.80 -2.03 -5.95
CA ILE A 112 0.58 -2.44 -6.66
C ILE A 112 0.29 -3.86 -6.23
N PHE A 113 -0.89 -4.09 -5.66
CA PHE A 113 -1.32 -5.40 -5.16
C PHE A 113 -2.35 -5.86 -6.17
N PHE A 114 -1.86 -6.58 -7.18
CA PHE A 114 -2.64 -7.11 -8.31
C PHE A 114 -3.23 -8.41 -7.82
N PRO A 115 -4.56 -8.57 -7.84
CA PRO A 115 -5.14 -9.91 -7.78
C PRO A 115 -4.43 -10.77 -8.85
N ARG A 116 -4.34 -12.07 -8.60
CA ARG A 116 -3.68 -12.97 -9.57
C ARG A 116 -4.31 -12.82 -10.95
N TRP A 117 -5.61 -12.59 -11.03
CA TRP A 117 -6.28 -12.59 -12.36
C TRP A 117 -5.84 -11.39 -13.20
N ILE A 118 -5.35 -10.30 -12.60
CA ILE A 118 -4.83 -9.14 -13.39
C ILE A 118 -3.36 -9.36 -13.74
N ILE A 119 -2.48 -9.90 -12.89
CA ILE A 119 -1.06 -10.23 -13.32
C ILE A 119 -1.20 -11.28 -14.42
N GLU A 120 -2.10 -12.26 -14.29
CA GLU A 120 -2.26 -13.34 -15.30
C GLU A 120 -2.89 -12.75 -16.58
N ASN A 121 -4.11 -12.25 -16.44
CA ASN A 121 -4.86 -11.79 -17.65
C ASN A 121 -5.30 -10.35 -17.47
N PRO A 122 -4.36 -9.39 -17.56
CA PRO A 122 -4.64 -7.96 -17.41
C PRO A 122 -5.45 -7.31 -18.55
N GLU A 123 -5.65 -8.01 -19.67
CA GLU A 123 -6.23 -7.49 -20.95
C GLU A 123 -7.62 -6.89 -20.71
N LYS A 124 -8.49 -7.52 -19.90
CA LYS A 124 -9.85 -6.95 -19.83
C LYS A 124 -9.79 -5.64 -19.07
N THR A 125 -8.82 -5.50 -18.17
CA THR A 125 -8.65 -4.24 -17.41
C THR A 125 -8.10 -3.13 -18.30
N VAL A 126 -7.73 -3.41 -19.55
CA VAL A 126 -7.14 -2.36 -20.42
C VAL A 126 -8.30 -1.82 -21.24
N CYS A 127 -8.92 -0.81 -20.68
CA CYS A 127 -10.04 -0.08 -21.27
C CYS A 127 -10.13 1.25 -20.54
N TYR A 128 -11.05 2.08 -21.00
CA TYR A 128 -11.67 3.13 -20.17
C TYR A 128 -12.60 2.47 -19.13
N GLN A 129 -12.08 2.24 -17.93
CA GLN A 129 -12.72 1.39 -16.91
C GLN A 129 -14.12 1.87 -16.58
N ASN A 130 -14.30 3.19 -16.58
CA ASN A 130 -15.56 3.85 -16.18
C ASN A 130 -16.73 3.36 -17.02
N ASP A 131 -16.46 2.94 -18.25
CA ASP A 131 -17.43 2.30 -19.16
C ASP A 131 -17.66 0.82 -18.86
N HIS A 132 -16.87 0.16 -18.01
CA HIS A 132 -16.91 -1.31 -17.81
C HIS A 132 -16.79 -1.65 -16.35
N LEU A 133 -17.36 -0.88 -15.44
CA LEU A 133 -17.19 -1.10 -13.98
C LEU A 133 -17.80 -2.43 -13.58
N PRO A 134 -19.04 -2.77 -13.98
CA PRO A 134 -19.65 -4.02 -13.53
C PRO A 134 -18.93 -5.23 -14.11
N LEU A 135 -18.43 -5.08 -15.35
CA LEU A 135 -17.57 -6.06 -16.04
C LEU A 135 -16.29 -6.31 -15.19
N MET A 136 -15.64 -5.25 -14.72
CA MET A 136 -14.39 -5.36 -13.92
C MET A 136 -14.68 -6.08 -12.61
N ARG A 137 -15.80 -5.75 -11.98
CA ARG A 137 -16.19 -6.36 -10.69
C ARG A 137 -16.55 -7.83 -10.91
N ALA A 138 -17.10 -8.17 -12.05
CA ALA A 138 -17.49 -9.56 -12.35
C ALA A 138 -16.20 -10.38 -12.47
N TYR A 139 -15.21 -9.86 -13.20
CA TYR A 139 -13.88 -10.50 -13.32
C TYR A 139 -13.22 -10.60 -11.94
N ARG A 140 -13.23 -9.48 -11.22
CA ARG A 140 -12.80 -9.35 -9.81
C ARG A 140 -13.36 -10.49 -8.97
N ASP A 141 -14.68 -10.66 -8.96
CA ASP A 141 -15.42 -11.59 -8.06
C ASP A 141 -15.00 -13.03 -8.39
N ALA A 142 -14.96 -13.44 -9.66
CA ALA A 142 -14.60 -14.86 -9.95
C ALA A 142 -13.13 -15.02 -9.64
N GLY A 143 -12.31 -13.98 -9.74
CA GLY A 143 -10.86 -14.09 -9.48
C GLY A 143 -10.18 -14.94 -10.55
N PRO A 144 -9.11 -15.70 -10.26
CA PRO A 144 -8.55 -15.83 -8.93
C PRO A 144 -8.00 -14.49 -8.39
N THR A 145 -8.27 -14.26 -7.14
CA THR A 145 -7.69 -13.13 -6.41
C THR A 145 -6.30 -13.56 -5.97
N TYR A 146 -6.10 -14.76 -5.41
CA TYR A 146 -4.82 -15.12 -4.74
C TYR A 146 -3.98 -16.09 -5.57
N PRO A 147 -2.66 -16.21 -5.33
CA PRO A 147 -1.89 -15.26 -4.54
C PRO A 147 -1.79 -13.88 -5.23
N LYS A 148 -1.65 -12.84 -4.40
CA LYS A 148 -1.57 -11.46 -4.94
C LYS A 148 -0.20 -11.27 -5.57
N GLU A 149 -0.14 -10.50 -6.65
CA GLU A 149 1.15 -10.20 -7.30
C GLU A 149 1.47 -8.75 -6.94
N VAL A 150 2.54 -8.56 -6.20
CA VAL A 150 2.90 -7.21 -5.69
C VAL A 150 3.99 -6.68 -6.64
N ILE A 151 3.79 -5.48 -7.16
CA ILE A 151 4.80 -4.72 -7.95
C ILE A 151 5.21 -3.51 -7.12
N ASP A 152 6.47 -3.48 -6.70
CA ASP A 152 7.04 -2.39 -5.89
C ASP A 152 8.08 -1.76 -6.79
N GLU A 153 7.83 -0.56 -7.31
CA GLU A 153 8.76 0.10 -8.24
C GLU A 153 8.87 1.57 -7.93
N PHE A 154 10.11 2.10 -7.98
CA PHE A 154 10.38 3.56 -8.03
C PHE A 154 10.02 4.01 -9.43
N ALA A 155 9.69 5.28 -9.56
CA ALA A 155 9.49 5.93 -10.87
C ALA A 155 10.18 7.27 -10.82
N THR A 156 10.79 7.63 -11.95
CA THR A 156 11.20 9.04 -12.21
C THR A 156 9.96 9.74 -12.80
N ILE A 157 9.54 10.85 -12.18
CA ILE A 157 8.49 11.78 -12.70
C ILE A 157 9.14 12.64 -13.80
N THR A 158 8.81 12.40 -15.07
CA THR A 158 9.53 13.04 -16.20
C THR A 158 8.88 14.40 -16.42
N PHE A 159 7.54 14.44 -16.47
CA PHE A 159 6.73 15.67 -16.66
C PHE A 159 5.86 15.90 -15.42
N MET A 160 5.64 17.15 -15.06
CA MET A 160 4.88 17.53 -13.85
C MET A 160 4.41 18.99 -13.98
N ARG A 161 3.11 19.24 -13.76
CA ARG A 161 2.46 20.57 -13.89
C ARG A 161 1.31 20.65 -12.91
N ASP A 162 0.84 21.85 -12.61
CA ASP A 162 -0.30 22.13 -11.71
C ASP A 162 -1.49 22.47 -12.61
N CYS A 163 -2.50 21.63 -12.60
CA CYS A 163 -3.74 21.79 -13.40
C CYS A 163 -4.85 22.32 -12.51
N GLY A 164 -4.59 22.46 -11.21
CA GLY A 164 -5.61 22.87 -10.22
C GLY A 164 -6.63 21.78 -9.97
N GLU A 165 -7.68 22.12 -9.22
CA GLU A 165 -8.71 21.13 -8.81
C GLU A 165 -9.67 20.91 -10.01
N ASN A 166 -10.27 19.72 -10.10
CA ASN A 166 -11.56 19.43 -10.77
C ASN A 166 -11.53 19.81 -12.25
N ASN A 167 -10.36 19.69 -12.88
CA ASN A 167 -10.21 19.88 -14.34
C ASN A 167 -10.46 18.54 -15.00
N GLU A 168 -11.63 18.37 -15.59
CA GLU A 168 -11.97 17.09 -16.24
C GLU A 168 -11.22 16.98 -17.57
N THR A 169 -10.53 18.02 -18.03
CA THR A 169 -9.83 17.99 -19.37
C THR A 169 -8.38 17.47 -19.23
N VAL A 170 -7.85 17.24 -18.03
CA VAL A 170 -6.42 16.85 -17.86
C VAL A 170 -6.28 15.44 -18.43
N ILE A 171 -7.08 14.53 -17.90
CA ILE A 171 -7.14 13.12 -18.37
C ILE A 171 -8.59 12.90 -18.80
N ASN A 172 -8.83 13.01 -20.10
CA ASN A 172 -10.15 12.81 -20.76
C ASN A 172 -9.98 12.03 -22.06
N CYS A 173 -8.88 11.29 -22.25
CA CYS A 173 -8.69 10.39 -23.41
C CYS A 173 -7.80 9.20 -23.03
N PRO A 174 -7.82 8.08 -23.80
CA PRO A 174 -6.81 7.04 -23.63
C PRO A 174 -5.42 7.57 -23.99
N PRO A 175 -4.33 6.87 -23.59
CA PRO A 175 -2.97 7.27 -23.88
C PRO A 175 -2.68 7.57 -25.37
N SER A 176 -3.04 6.62 -26.25
CA SER A 176 -2.68 6.65 -27.70
C SER A 176 -3.36 7.82 -28.42
N GLU A 177 -4.48 8.33 -27.87
CA GLU A 177 -5.27 9.43 -28.44
C GLU A 177 -4.71 10.79 -27.94
N LEU A 178 -3.63 10.83 -27.15
CA LEU A 178 -2.86 12.08 -26.86
C LEU A 178 -2.05 12.48 -28.10
N PRO A 179 -1.67 13.78 -28.24
CA PRO A 179 -0.72 14.20 -29.29
C PRO A 179 0.69 13.63 -29.06
N ALA A 180 1.46 13.44 -30.13
CA ALA A 180 2.77 12.74 -30.19
C ALA A 180 3.82 13.41 -29.28
N ASP A 181 3.65 14.67 -28.91
CA ASP A 181 4.44 15.37 -27.84
C ASP A 181 3.51 15.67 -26.64
N TYR A 182 3.51 14.76 -25.66
CA TYR A 182 2.66 14.89 -24.46
C TYR A 182 3.26 14.03 -23.35
N ASP B 24 22.49 -5.26 -0.68
CA ASP B 24 21.75 -3.99 -0.37
C ASP B 24 22.73 -2.82 -0.08
N LYS B 25 22.63 -1.68 -0.79
CA LYS B 25 23.33 -0.40 -0.43
C LYS B 25 22.79 0.16 0.90
N GLU B 26 23.47 1.16 1.47
CA GLU B 26 23.25 1.67 2.88
C GLU B 26 21.83 2.22 3.13
N ASP B 27 21.10 2.45 2.05
CA ASP B 27 19.77 3.09 2.14
C ASP B 27 18.95 2.47 3.28
N LEU B 28 18.92 1.16 3.36
CA LEU B 28 17.96 0.56 4.34
C LEU B 28 18.57 0.41 5.73
N SER B 29 19.90 0.54 5.92
CA SER B 29 20.57 0.17 7.22
C SER B 29 19.93 0.94 8.39
N GLY B 30 19.38 2.14 8.13
CA GLY B 30 18.66 3.02 9.09
C GLY B 30 17.27 2.54 9.44
N PHE B 31 16.76 1.51 8.76
CA PHE B 31 15.43 0.93 9.03
C PHE B 31 15.47 -0.54 9.45
N VAL B 32 16.32 -1.33 8.79
CA VAL B 32 16.54 -2.77 9.14
C VAL B 32 16.97 -2.81 10.61
N GLY B 33 16.43 -3.75 11.37
CA GLY B 33 16.68 -3.82 12.83
C GLY B 33 15.77 -2.90 13.62
N LYS B 34 15.16 -1.87 13.04
CA LYS B 34 14.30 -0.96 13.81
C LYS B 34 13.09 -1.78 14.28
N HIS B 35 12.83 -1.66 15.57
CA HIS B 35 11.74 -2.34 16.31
C HIS B 35 10.98 -1.20 16.90
N PHE B 36 9.67 -1.12 16.65
CA PHE B 36 8.90 0.02 17.18
C PHE B 36 7.46 -0.35 17.45
N ILE B 37 6.93 0.31 18.47
CA ILE B 37 5.52 0.20 18.89
C ILE B 37 4.92 1.53 18.56
N TYR B 38 3.66 1.53 18.16
CA TYR B 38 2.97 2.70 17.59
C TYR B 38 1.49 2.56 17.81
N THR B 39 0.78 3.67 18.00
CA THR B 39 -0.67 3.74 18.22
C THR B 39 -1.29 4.54 17.10
N TYR B 40 -2.30 4.00 16.41
CA TYR B 40 -2.95 4.66 15.25
C TYR B 40 -3.90 5.75 15.77
N ASP B 41 -4.32 6.66 14.88
CA ASP B 41 -5.26 7.80 15.13
C ASP B 41 -6.50 7.22 15.81
N ASN B 42 -6.91 6.04 15.35
CA ASN B 42 -8.10 5.27 15.80
C ASN B 42 -7.79 4.37 17.02
N GLY B 43 -6.70 4.57 17.78
CA GLY B 43 -6.46 3.95 19.10
C GLY B 43 -5.65 2.65 19.09
N TRP B 44 -5.60 1.96 17.93
CA TRP B 44 -4.94 0.64 17.71
C TRP B 44 -3.43 0.73 17.95
N ARG B 45 -2.90 0.00 18.92
CA ARG B 45 -1.45 -0.15 19.21
C ARG B 45 -0.87 -1.34 18.40
N TYR B 46 -0.10 -1.02 17.36
CA TYR B 46 0.63 -1.99 16.51
C TYR B 46 2.11 -1.98 16.87
N GLU B 47 2.84 -3.04 16.55
CA GLU B 47 4.28 -3.27 16.86
C GLU B 47 4.90 -3.98 15.66
N ILE B 48 5.99 -3.49 15.13
CA ILE B 48 6.70 -4.05 13.94
C ILE B 48 8.16 -4.07 14.30
N TYR B 49 8.82 -5.15 13.91
CA TYR B 49 10.28 -5.28 13.94
C TYR B 49 10.62 -5.56 12.49
N VAL B 50 11.42 -4.70 11.91
CA VAL B 50 11.95 -4.94 10.55
C VAL B 50 13.18 -5.84 10.73
N LYS B 51 12.98 -7.13 10.46
CA LYS B 51 13.93 -8.22 10.80
C LYS B 51 15.03 -8.33 9.78
N ASN B 52 14.77 -7.87 8.57
CA ASN B 52 15.82 -7.77 7.54
C ASN B 52 15.24 -7.03 6.35
N GLU B 53 16.05 -6.87 5.32
CA GLU B 53 15.74 -6.04 4.13
C GLU B 53 14.45 -6.52 3.47
N ASN B 54 13.98 -7.75 3.69
CA ASN B 54 12.78 -8.32 3.03
C ASN B 54 11.82 -9.01 4.02
N THR B 55 11.94 -8.75 5.34
CA THR B 55 11.13 -9.50 6.34
C THR B 55 10.73 -8.62 7.53
N ILE B 56 9.46 -8.67 7.93
CA ILE B 56 9.02 -8.14 9.26
C ILE B 56 8.45 -9.24 10.14
N ASP B 57 8.50 -8.98 11.42
CA ASP B 57 7.60 -9.56 12.42
C ASP B 57 6.68 -8.42 12.82
N TYR B 58 5.50 -8.73 13.28
CA TYR B 58 4.57 -7.71 13.80
C TYR B 58 3.63 -8.35 14.81
N ARG B 59 3.18 -7.53 15.74
CA ARG B 59 2.41 -7.91 16.94
C ARG B 59 1.38 -6.80 17.09
N ILE B 60 0.08 -7.15 17.12
CA ILE B 60 -1.03 -6.18 17.27
C ILE B 60 -1.41 -6.28 18.73
N HIS B 61 -1.22 -5.19 19.51
CA HIS B 61 -1.55 -5.16 20.96
C HIS B 61 -3.06 -4.93 21.13
N SER B 62 -3.67 -4.15 20.22
CA SER B 62 -5.03 -3.59 20.40
C SER B 62 -5.69 -3.27 19.06
N GLY B 63 -7.02 -3.10 19.06
CA GLY B 63 -7.82 -2.85 17.84
C GLY B 63 -8.71 -4.00 17.42
N ILE B 64 -9.34 -3.93 16.22
CA ILE B 64 -10.21 -5.00 15.64
C ILE B 64 -9.47 -6.34 15.68
N VAL B 65 -8.17 -6.29 15.39
CA VAL B 65 -7.26 -7.45 15.22
C VAL B 65 -6.25 -7.45 16.36
N GLY B 66 -6.59 -6.89 17.53
CA GLY B 66 -5.72 -6.90 18.73
C GLY B 66 -5.45 -8.30 19.17
N GLY B 67 -4.22 -8.62 19.55
CA GLY B 67 -3.81 -10.02 19.83
C GLY B 67 -3.14 -10.75 18.67
N ARG B 68 -3.45 -10.36 17.43
CA ARG B 68 -2.85 -10.97 16.22
C ARG B 68 -1.36 -10.70 16.20
N TRP B 69 -0.54 -11.67 15.79
CA TRP B 69 0.89 -11.42 15.54
C TRP B 69 1.43 -12.41 14.53
N VAL B 70 2.60 -12.08 14.00
CA VAL B 70 3.11 -12.61 12.70
C VAL B 70 4.63 -12.61 12.78
N LYS B 71 5.25 -13.74 12.42
CA LYS B 71 6.71 -13.91 12.29
C LYS B 71 6.99 -14.14 10.82
N ASP B 72 8.07 -13.54 10.30
CA ASP B 72 8.62 -13.88 8.97
C ASP B 72 7.60 -13.57 7.88
N GLN B 73 6.86 -12.48 8.01
CA GLN B 73 6.06 -11.88 6.90
C GLN B 73 7.00 -11.38 5.81
N GLN B 74 6.97 -11.98 4.61
CA GLN B 74 7.67 -11.43 3.41
C GLN B 74 7.16 -10.00 3.22
N VAL B 75 8.06 -9.05 2.98
CA VAL B 75 7.76 -7.60 2.88
C VAL B 75 8.61 -6.99 1.75
N TYR B 76 8.13 -5.93 1.11
CA TYR B 76 8.94 -5.02 0.28
C TYR B 76 9.23 -3.80 1.13
N ILE B 77 10.53 -3.58 1.47
CA ILE B 77 11.01 -2.32 2.10
C ILE B 77 11.78 -1.57 1.05
N VAL B 78 11.60 -0.25 1.00
CA VAL B 78 12.46 0.69 0.22
C VAL B 78 12.64 1.95 1.07
N ARG B 79 13.71 2.72 0.81
CA ARG B 79 13.90 4.07 1.39
C ARG B 79 13.36 5.04 0.34
N VAL B 80 12.33 5.86 0.64
CA VAL B 80 11.76 6.83 -0.36
C VAL B 80 12.49 8.18 -0.25
N ALA B 81 13.03 8.52 0.93
CA ALA B 81 13.83 9.75 1.22
C ALA B 81 14.54 9.58 2.58
N ASP B 82 15.23 10.60 3.10
CA ASP B 82 15.91 10.48 4.42
C ASP B 82 14.75 10.39 5.43
N ASP B 83 14.83 9.39 6.31
CA ASP B 83 13.79 9.11 7.32
C ASP B 83 12.42 8.74 6.70
N VAL B 84 12.32 8.35 5.42
CA VAL B 84 11.02 7.92 4.84
C VAL B 84 11.20 6.53 4.23
N TYR B 85 10.82 5.50 4.96
CA TYR B 85 10.84 4.10 4.49
C TYR B 85 9.39 3.70 4.18
N LYS B 86 9.25 2.74 3.28
CA LYS B 86 7.96 2.23 2.82
C LYS B 86 8.08 0.74 2.91
N ILE B 87 7.12 0.15 3.58
CA ILE B 87 7.12 -1.30 3.85
C ILE B 87 5.75 -1.79 3.43
N SER B 88 5.74 -2.74 2.48
CA SER B 88 4.57 -3.13 1.67
C SER B 88 4.52 -4.67 1.60
N TRP B 89 3.35 -5.24 1.84
CA TRP B 89 3.18 -6.71 1.88
C TRP B 89 1.71 -7.09 1.67
N THR B 90 1.50 -8.34 1.31
CA THR B 90 0.20 -9.02 1.24
C THR B 90 0.29 -10.24 2.16
N GLU B 91 -0.75 -10.52 2.91
CA GLU B 91 -0.73 -11.54 3.96
C GLU B 91 -1.43 -12.83 3.46
N PRO B 92 -1.30 -13.97 4.17
CA PRO B 92 -2.07 -15.17 3.88
C PRO B 92 -3.59 -14.99 4.04
N THR B 93 -4.01 -13.88 4.63
CA THR B 93 -5.45 -13.56 4.82
C THR B 93 -5.98 -12.89 3.55
N GLY B 94 -5.09 -12.42 2.68
CA GLY B 94 -5.36 -11.50 1.57
C GLY B 94 -5.30 -10.04 1.94
N THR B 95 -5.08 -9.69 3.24
CA THR B 95 -4.80 -8.31 3.68
C THR B 95 -3.53 -7.87 2.93
N ASP B 96 -3.56 -6.76 2.19
CA ASP B 96 -2.36 -6.02 1.75
C ASP B 96 -2.20 -4.75 2.58
N VAL B 97 -0.95 -4.38 2.80
CA VAL B 97 -0.50 -3.27 3.66
C VAL B 97 0.68 -2.58 2.94
N SER B 98 0.70 -1.26 2.99
CA SER B 98 1.84 -0.35 2.71
C SER B 98 1.85 0.64 3.85
N LEU B 99 2.86 0.52 4.71
CA LEU B 99 3.18 1.49 5.80
C LEU B 99 4.32 2.36 5.33
N THR B 100 4.13 3.66 5.28
CA THR B 100 5.27 4.59 5.12
C THR B 100 5.76 4.84 6.56
N VAL B 101 7.02 4.54 6.89
CA VAL B 101 7.61 4.78 8.26
C VAL B 101 8.60 5.97 8.24
N ASN B 102 8.29 6.99 9.05
CA ASN B 102 9.07 8.23 9.28
C ASN B 102 9.69 8.12 10.70
N LEU B 103 10.89 7.53 10.83
CA LEU B 103 11.39 6.97 12.15
C LEU B 103 11.81 8.08 13.12
N ALA B 104 12.66 8.98 12.70
CA ALA B 104 13.16 10.09 13.54
C ALA B 104 12.00 11.02 13.94
N ASP B 105 11.05 11.21 13.01
CA ASP B 105 9.82 11.99 13.31
C ASP B 105 8.89 11.16 14.21
N TYR B 106 9.21 9.90 14.47
CA TYR B 106 8.44 9.02 15.39
C TYR B 106 6.96 8.94 14.93
N ILE B 107 6.71 9.00 13.62
CA ILE B 107 5.35 9.01 12.98
C ILE B 107 5.35 7.95 11.86
N LEU B 108 4.21 7.32 11.67
CA LEU B 108 4.03 6.27 10.66
C LEU B 108 2.68 6.48 10.01
N HIS B 109 2.56 6.10 8.74
CA HIS B 109 1.25 6.03 8.07
C HIS B 109 1.09 4.61 7.53
N GLY B 110 -0.07 3.99 7.78
CA GLY B 110 -0.46 2.69 7.22
C GLY B 110 -1.73 2.78 6.38
N THR B 111 -1.67 2.28 5.15
CA THR B 111 -2.88 1.90 4.40
C THR B 111 -2.96 0.38 4.50
N ILE B 112 -4.17 -0.13 4.73
CA ILE B 112 -4.44 -1.58 4.92
C ILE B 112 -5.65 -1.90 4.07
N PHE B 113 -5.48 -2.86 3.16
CA PHE B 113 -6.48 -3.30 2.18
C PHE B 113 -6.97 -4.62 2.70
N PHE B 114 -8.03 -4.57 3.53
CA PHE B 114 -8.64 -5.70 4.23
C PHE B 114 -9.64 -6.30 3.27
N PRO B 115 -9.49 -7.60 2.92
CA PRO B 115 -10.59 -8.34 2.36
C PRO B 115 -11.82 -8.14 3.23
N ARG B 116 -13.00 -8.18 2.64
CA ARG B 116 -14.24 -8.01 3.39
C ARG B 116 -14.23 -8.96 4.59
N TRP B 117 -13.78 -10.20 4.44
CA TRP B 117 -13.95 -11.21 5.50
C TRP B 117 -13.07 -10.89 6.69
N ILE B 118 -11.96 -10.12 6.57
CA ILE B 118 -11.17 -9.62 7.74
C ILE B 118 -11.91 -8.43 8.40
N ILE B 119 -12.45 -7.44 7.63
CA ILE B 119 -13.19 -6.33 8.29
C ILE B 119 -14.40 -6.94 8.98
N GLU B 120 -15.03 -7.96 8.41
CA GLU B 120 -16.27 -8.57 8.95
C GLU B 120 -15.95 -9.54 10.10
N ASN B 121 -14.95 -10.40 9.98
CA ASN B 121 -14.61 -11.43 10.99
C ASN B 121 -13.11 -11.29 11.33
N PRO B 122 -12.65 -10.14 11.86
CA PRO B 122 -11.24 -9.95 12.20
C PRO B 122 -10.67 -10.90 13.26
N GLU B 123 -11.53 -11.47 14.09
CA GLU B 123 -11.22 -12.50 15.14
C GLU B 123 -10.58 -13.70 14.48
N LYS B 124 -11.08 -14.07 13.30
CA LYS B 124 -10.62 -15.27 12.57
C LYS B 124 -9.11 -15.07 12.36
N THR B 125 -8.61 -13.82 12.33
CA THR B 125 -7.19 -13.44 12.08
C THR B 125 -6.42 -13.13 13.37
N VAL B 126 -7.04 -13.20 14.53
CA VAL B 126 -6.41 -12.85 15.83
C VAL B 126 -5.88 -14.14 16.37
N CYS B 127 -4.65 -14.41 16.00
CA CYS B 127 -3.87 -15.55 16.48
C CYS B 127 -2.42 -15.23 16.15
N TYR B 128 -1.53 -16.08 16.65
CA TYR B 128 -0.22 -16.37 16.04
C TYR B 128 -0.45 -17.07 14.70
N GLN B 129 -0.56 -16.26 13.66
CA GLN B 129 -0.87 -16.70 12.28
C GLN B 129 0.01 -17.84 11.81
N ASN B 130 1.26 -17.88 12.24
CA ASN B 130 2.26 -18.88 11.82
C ASN B 130 1.80 -20.27 12.17
N ASP B 131 1.01 -20.38 13.24
CA ASP B 131 0.43 -21.65 13.73
C ASP B 131 -0.96 -21.89 13.16
N HIS B 132 -1.47 -20.98 12.33
CA HIS B 132 -2.81 -21.07 11.69
C HIS B 132 -2.80 -20.48 10.30
N LEU B 133 -1.67 -20.55 9.57
CA LEU B 133 -1.56 -20.12 8.17
C LEU B 133 -2.62 -20.80 7.32
N PRO B 134 -2.84 -22.14 7.39
CA PRO B 134 -3.78 -22.78 6.46
C PRO B 134 -5.22 -22.33 6.73
N LEU B 135 -5.54 -22.12 8.01
CA LEU B 135 -6.80 -21.54 8.53
C LEU B 135 -6.96 -20.16 7.89
N MET B 136 -5.92 -19.32 7.87
CA MET B 136 -6.01 -17.95 7.27
C MET B 136 -6.31 -18.07 5.79
N ARG B 137 -5.66 -19.00 5.11
CA ARG B 137 -5.84 -19.19 3.65
C ARG B 137 -7.22 -19.77 3.39
N ALA B 138 -7.75 -20.58 4.30
CA ALA B 138 -9.08 -21.21 4.13
C ALA B 138 -10.13 -20.10 4.24
N TYR B 139 -9.98 -19.21 5.20
CA TYR B 139 -10.84 -18.02 5.39
C TYR B 139 -10.66 -17.09 4.18
N ARG B 140 -9.41 -16.85 3.79
CA ARG B 140 -9.04 -16.12 2.57
C ARG B 140 -9.83 -16.65 1.38
N ASP B 141 -9.73 -17.96 1.12
CA ASP B 141 -10.33 -18.64 -0.05
C ASP B 141 -11.85 -18.62 0.06
N ALA B 142 -12.42 -19.07 1.19
CA ALA B 142 -13.86 -18.97 1.52
C ALA B 142 -14.39 -17.58 1.13
N GLY B 143 -13.63 -16.54 1.42
CA GLY B 143 -14.04 -15.14 1.18
C GLY B 143 -15.11 -14.72 2.18
N PRO B 144 -15.94 -13.70 1.89
CA PRO B 144 -15.80 -12.91 0.67
C PRO B 144 -14.57 -11.99 0.78
N THR B 145 -13.89 -11.86 -0.35
CA THR B 145 -12.73 -10.98 -0.51
C THR B 145 -13.21 -9.55 -0.68
N TYR B 146 -14.20 -9.32 -1.55
CA TYR B 146 -14.64 -7.93 -1.88
C TYR B 146 -15.96 -7.60 -1.21
N PRO B 147 -16.34 -6.30 -1.10
CA PRO B 147 -15.41 -5.18 -1.34
C PRO B 147 -14.33 -5.09 -0.25
N LYS B 148 -13.21 -4.50 -0.65
CA LYS B 148 -12.05 -4.19 0.18
C LYS B 148 -12.46 -3.14 1.17
N GLU B 149 -12.00 -3.26 2.40
CA GLU B 149 -12.14 -2.17 3.41
C GLU B 149 -10.72 -1.62 3.48
N VAL B 150 -10.53 -0.42 2.95
CA VAL B 150 -9.31 0.43 2.98
C VAL B 150 -9.33 1.13 4.34
N ILE B 151 -8.27 0.99 5.14
CA ILE B 151 -8.06 1.72 6.43
C ILE B 151 -6.74 2.48 6.29
N ASP B 152 -6.80 3.81 6.30
CA ASP B 152 -5.67 4.72 6.06
C ASP B 152 -5.56 5.51 7.36
N GLU B 153 -4.51 5.27 8.15
CA GLU B 153 -4.34 5.97 9.45
C GLU B 153 -2.87 6.36 9.64
N PHE B 154 -2.65 7.54 10.22
CA PHE B 154 -1.37 7.98 10.79
C PHE B 154 -1.22 7.26 12.14
N ALA B 155 0.01 7.03 12.59
CA ALA B 155 0.29 6.52 13.95
C ALA B 155 1.50 7.25 14.54
N THR B 156 1.48 7.44 15.85
CA THR B 156 2.62 7.89 16.68
C THR B 156 3.43 6.65 17.03
N ILE B 157 4.72 6.61 16.70
CA ILE B 157 5.72 5.61 17.17
C ILE B 157 6.12 5.98 18.61
N THR B 158 5.69 5.21 19.61
CA THR B 158 5.82 5.55 21.05
C THR B 158 7.08 4.93 21.66
N PHE B 159 7.54 3.85 21.09
CA PHE B 159 8.81 3.18 21.45
C PHE B 159 9.48 2.81 20.13
N MET B 160 10.79 2.85 20.12
CA MET B 160 11.62 2.74 18.91
C MET B 160 13.04 2.41 19.37
N ARG B 161 13.60 1.30 18.90
CA ARG B 161 14.93 0.80 19.31
C ARG B 161 15.52 0.05 18.12
N ASP B 162 16.84 -0.13 18.09
CA ASP B 162 17.45 -0.96 17.01
C ASP B 162 17.77 -2.33 17.61
N CYS B 163 17.13 -3.38 17.09
CA CYS B 163 17.33 -4.74 17.62
C CYS B 163 18.24 -5.51 16.66
N GLY B 164 18.79 -4.82 15.67
CA GLY B 164 19.72 -5.48 14.74
C GLY B 164 18.98 -6.41 13.81
N GLU B 165 19.70 -6.94 12.81
CA GLU B 165 19.02 -7.81 11.80
C GLU B 165 18.71 -9.17 12.45
N ASN B 166 17.70 -9.88 11.98
CA ASN B 166 17.58 -11.36 12.06
C ASN B 166 17.53 -11.85 13.51
N ASN B 167 17.05 -11.01 14.40
CA ASN B 167 16.81 -11.36 15.82
C ASN B 167 15.43 -12.01 15.89
N GLU B 168 15.40 -13.32 16.04
CA GLU B 168 14.11 -14.02 16.15
C GLU B 168 13.47 -13.79 17.53
N THR B 169 14.11 -13.10 18.49
CA THR B 169 13.53 -12.97 19.86
C THR B 169 12.62 -11.76 19.97
N VAL B 170 12.81 -10.75 19.14
CA VAL B 170 12.20 -9.41 19.46
C VAL B 170 10.68 -9.58 19.38
N ILE B 171 10.17 -10.29 18.38
CA ILE B 171 8.74 -10.72 18.37
C ILE B 171 8.74 -12.24 18.30
N ASN B 172 8.58 -12.90 19.46
CA ASN B 172 8.64 -14.37 19.63
C ASN B 172 7.54 -14.83 20.60
N CYS B 173 6.57 -13.98 20.95
CA CYS B 173 5.39 -14.40 21.75
C CYS B 173 4.22 -13.46 21.47
N PRO B 174 2.97 -13.83 21.84
CA PRO B 174 1.85 -12.94 21.70
C PRO B 174 1.99 -11.75 22.63
N PRO B 175 1.21 -10.68 22.41
CA PRO B 175 1.21 -9.55 23.36
C PRO B 175 0.93 -9.96 24.82
N SER B 176 -0.08 -10.78 25.07
CA SER B 176 -0.50 -11.28 26.41
C SER B 176 0.59 -12.07 27.15
N GLU B 177 1.46 -12.80 26.44
CA GLU B 177 2.59 -13.57 27.04
C GLU B 177 3.88 -12.72 27.02
N LEU B 178 3.80 -11.40 26.87
CA LEU B 178 5.00 -10.50 26.97
C LEU B 178 5.37 -10.32 28.43
N PRO B 179 6.62 -9.87 28.75
CA PRO B 179 7.01 -9.61 30.13
C PRO B 179 6.32 -8.38 30.77
N ALA B 180 6.62 -8.20 32.06
CA ALA B 180 6.14 -7.08 32.91
C ALA B 180 6.71 -5.76 32.39
N ASP B 181 5.83 -4.81 32.02
CA ASP B 181 6.15 -3.40 31.66
C ASP B 181 6.81 -3.39 30.27
N TYR B 182 6.53 -4.36 29.40
CA TYR B 182 7.03 -4.36 27.98
C TYR B 182 6.43 -3.18 27.17
N PRO B 183 5.13 -2.79 27.26
CA PRO B 183 4.71 -1.43 26.92
C PRO B 183 5.53 -0.31 27.61
N ASP B 184 6.23 0.52 26.81
CA ASP B 184 7.31 1.46 27.23
C ASP B 184 6.83 2.33 28.41
#